data_3BHO
#
_entry.id   3BHO
#
_cell.length_a   79.955
_cell.length_b   79.955
_cell.length_c   72.186
_cell.angle_alpha   90.000
_cell.angle_beta   90.000
_cell.angle_gamma   120.000
#
_symmetry.space_group_name_H-M   'P 31 2 1'
#
loop_
_entity.id
_entity.type
_entity.pdbx_description
1 polymer 'Cleavage and polyadenylation specificity factor subunit 5'
2 non-polymer "BIS(ADENOSINE)-5'-TETRAPHOSPHATE"
3 water water
#
_entity_poly.entity_id   1
_entity_poly.type   'polypeptide(L)'
_entity_poly.pdbx_seq_one_letter_code
;FGNKYIQQTKPLTLERTINLYPLTNYTFGTKEPLYEKDSSVAARFQRMREEFDKIGMRRTVEGVLIVHEHRLPHVLLLQL
GTTFFKLPGGELNPGEDEVEGLKRLMTEILGRQDGVLQDWVIDDCIGNWWRPNFEPPQYPYIPAHITKPKEHKKLFLVQL
QEKALFAVPKNYKLVAAPLFELYDNAPGYGPIISSLPQLLSRFNFIYN
;
_entity_poly.pdbx_strand_id   A
#
# COMPACT_ATOMS: atom_id res chain seq x y z
N PHE A 1 -11.51 1.54 49.18
CA PHE A 1 -12.05 1.75 47.81
C PHE A 1 -12.98 2.97 47.82
N GLY A 2 -14.00 2.97 46.97
CA GLY A 2 -14.90 4.11 46.90
C GLY A 2 -14.29 5.08 45.90
N ASN A 3 -13.09 4.74 45.45
CA ASN A 3 -12.38 5.54 44.48
C ASN A 3 -12.91 5.25 43.09
N LYS A 4 -12.56 6.11 42.14
CA LYS A 4 -13.00 5.94 40.77
C LYS A 4 -11.77 5.83 39.88
N TYR A 5 -11.84 4.99 38.88
CA TYR A 5 -10.71 4.78 37.98
C TYR A 5 -10.75 5.74 36.80
N ILE A 6 -9.62 6.37 36.51
CA ILE A 6 -9.55 7.27 35.37
C ILE A 6 -9.72 6.38 34.15
N GLN A 7 -10.55 6.81 33.21
CA GLN A 7 -10.83 6.03 32.01
C GLN A 7 -9.63 5.90 31.09
N GLN A 8 -9.50 4.74 30.47
CA GLN A 8 -8.40 4.48 29.55
C GLN A 8 -8.75 5.02 28.16
N THR A 9 -7.73 5.39 27.41
CA THR A 9 -7.92 5.90 26.05
C THR A 9 -8.78 4.90 25.30
N LYS A 10 -9.63 5.38 24.40
CA LYS A 10 -10.49 4.47 23.62
C LYS A 10 -9.68 3.43 22.87
N PRO A 11 -10.19 2.20 22.76
CA PRO A 11 -9.48 1.13 22.06
C PRO A 11 -9.07 1.62 20.67
N LEU A 12 -7.90 1.22 20.21
CA LEU A 12 -7.43 1.64 18.89
C LEU A 12 -8.27 1.03 17.78
N THR A 13 -9.06 0.02 18.13
CA THR A 13 -9.93 -0.65 17.18
C THR A 13 -11.18 0.20 16.97
N LEU A 14 -11.51 0.97 18.00
CA LEU A 14 -12.68 1.84 17.98
C LEU A 14 -12.38 3.20 17.39
N GLU A 15 -11.22 3.75 17.73
CA GLU A 15 -10.82 5.04 17.22
C GLU A 15 -9.31 5.05 17.00
N ARG A 16 -8.92 5.05 15.73
CA ARG A 16 -7.52 5.02 15.34
C ARG A 16 -7.11 6.37 14.77
N THR A 17 -6.29 7.10 15.54
CA THR A 17 -5.82 8.43 15.15
C THR A 17 -4.49 8.35 14.42
N ILE A 18 -4.40 9.03 13.29
CA ILE A 18 -3.19 9.05 12.47
C ILE A 18 -2.78 10.49 12.17
N ASN A 19 -1.52 10.81 12.47
CA ASN A 19 -1.01 12.15 12.21
C ASN A 19 -0.58 12.31 10.76
N LEU A 20 -1.08 13.35 10.10
CA LEU A 20 -0.71 13.64 8.73
C LEU A 20 0.06 14.95 8.68
N TYR A 21 0.92 15.09 7.69
CA TYR A 21 1.72 16.29 7.54
C TYR A 21 1.61 16.87 6.15
N PRO A 22 1.86 18.19 6.02
CA PRO A 22 1.80 18.92 4.75
C PRO A 22 2.64 18.30 3.64
N LEU A 23 2.12 18.35 2.43
CA LEU A 23 2.81 17.82 1.26
C LEU A 23 4.20 18.45 1.15
N THR A 24 4.29 19.73 1.47
CA THR A 24 5.56 20.46 1.39
C THR A 24 6.62 20.01 2.39
N ASN A 25 6.24 19.09 3.29
CA ASN A 25 7.16 18.56 4.29
C ASN A 25 7.97 17.42 3.69
N TYR A 26 7.62 17.03 2.46
CA TYR A 26 8.30 15.93 1.80
C TYR A 26 8.97 16.31 0.50
N THR A 27 10.11 15.69 0.24
CA THR A 27 10.88 15.96 -0.97
C THR A 27 11.45 14.65 -1.50
N PHE A 28 11.92 14.66 -2.74
CA PHE A 28 12.49 13.45 -3.31
C PHE A 28 13.76 13.74 -4.10
N GLY A 29 14.61 12.72 -4.20
CA GLY A 29 15.84 12.79 -4.96
C GLY A 29 15.76 11.62 -5.92
N THR A 30 16.57 11.62 -6.96
CA THR A 30 16.50 10.53 -7.93
C THR A 30 17.52 9.42 -7.67
N LYS A 31 17.19 8.23 -8.16
CA LYS A 31 18.06 7.06 -8.04
C LYS A 31 17.93 6.33 -9.37
N GLU A 32 18.77 5.32 -9.60
CA GLU A 32 18.70 4.58 -10.86
C GLU A 32 17.31 4.01 -11.11
N PRO A 33 16.92 3.86 -12.39
CA PRO A 33 15.61 3.34 -12.77
C PRO A 33 15.38 1.91 -12.28
N LEU A 34 14.13 1.60 -11.99
CA LEU A 34 13.75 0.28 -11.52
C LEU A 34 12.82 -0.32 -12.57
N TYR A 35 13.26 -1.38 -13.23
CA TYR A 35 12.45 -2.00 -14.27
C TYR A 35 11.53 -3.10 -13.75
N GLU A 36 10.37 -3.22 -14.38
CA GLU A 36 9.39 -4.23 -14.00
C GLU A 36 9.97 -5.60 -14.30
N LYS A 37 9.74 -6.55 -13.40
CA LYS A 37 10.25 -7.91 -13.56
C LYS A 37 9.60 -8.61 -14.75
N ASP A 38 8.35 -8.28 -15.04
CA ASP A 38 7.64 -8.90 -16.15
C ASP A 38 7.46 -7.92 -17.31
N SER A 39 7.94 -8.33 -18.48
CA SER A 39 7.87 -7.51 -19.68
C SER A 39 6.44 -7.21 -20.12
N SER A 40 5.60 -8.24 -20.16
CA SER A 40 4.21 -8.06 -20.58
C SER A 40 3.23 -8.87 -19.74
N VAL A 41 1.95 -8.74 -20.07
CA VAL A 41 0.89 -9.46 -19.37
C VAL A 41 1.11 -10.95 -19.49
N ALA A 42 1.52 -11.40 -20.67
CA ALA A 42 1.77 -12.80 -20.92
C ALA A 42 2.86 -13.35 -20.01
N ALA A 43 3.99 -12.64 -19.97
CA ALA A 43 5.11 -13.05 -19.14
C ALA A 43 4.77 -12.95 -17.67
N ARG A 44 3.90 -12.00 -17.32
CA ARG A 44 3.51 -11.82 -15.93
C ARG A 44 2.77 -13.05 -15.40
N PHE A 45 1.73 -13.47 -16.12
CA PHE A 45 0.97 -14.62 -15.68
C PHE A 45 1.73 -15.92 -15.91
N GLN A 46 2.68 -15.92 -16.82
CA GLN A 46 3.46 -17.14 -17.04
C GLN A 46 4.36 -17.32 -15.82
N ARG A 47 4.98 -16.23 -15.35
CA ARG A 47 5.84 -16.33 -14.18
C ARG A 47 5.02 -16.66 -12.95
N MET A 48 3.80 -16.12 -12.89
CA MET A 48 2.93 -16.38 -11.75
C MET A 48 2.62 -17.88 -11.69
N ARG A 49 2.40 -18.48 -12.85
CA ARG A 49 2.11 -19.91 -12.93
C ARG A 49 3.33 -20.73 -12.49
N GLU A 50 4.48 -20.41 -13.07
CA GLU A 50 5.70 -21.12 -12.75
C GLU A 50 6.06 -21.07 -11.27
N GLU A 51 5.99 -19.88 -10.67
CA GLU A 51 6.32 -19.74 -9.26
C GLU A 51 5.31 -20.40 -8.34
N PHE A 52 4.03 -20.39 -8.74
CA PHE A 52 2.99 -21.00 -7.92
C PHE A 52 3.30 -22.48 -7.69
N ASP A 53 3.85 -23.14 -8.70
CA ASP A 53 4.16 -24.56 -8.60
C ASP A 53 5.40 -24.82 -7.75
N LYS A 54 6.25 -23.81 -7.60
CA LYS A 54 7.46 -23.96 -6.81
C LYS A 54 7.27 -23.54 -5.35
N ILE A 55 6.83 -22.31 -5.15
CA ILE A 55 6.65 -21.79 -3.79
C ILE A 55 5.21 -21.60 -3.33
N GLY A 56 4.26 -21.84 -4.23
CA GLY A 56 2.85 -21.69 -3.85
C GLY A 56 2.31 -20.29 -4.08
N MET A 57 1.22 -19.98 -3.37
CA MET A 57 0.57 -18.68 -3.49
C MET A 57 1.49 -17.48 -3.38
N ARG A 58 1.35 -16.55 -4.30
CA ARG A 58 2.16 -15.34 -4.28
C ARG A 58 1.68 -14.45 -3.14
N ARG A 59 2.61 -13.92 -2.38
CA ARG A 59 2.27 -13.04 -1.27
C ARG A 59 2.82 -11.65 -1.56
N THR A 60 1.91 -10.71 -1.82
CA THR A 60 2.30 -9.33 -2.12
C THR A 60 1.88 -8.42 -0.98
N VAL A 61 2.68 -7.39 -0.72
CA VAL A 61 2.37 -6.42 0.32
C VAL A 61 2.52 -5.03 -0.30
N GLU A 62 1.67 -4.11 0.12
CA GLU A 62 1.72 -2.76 -0.42
C GLU A 62 1.55 -1.76 0.70
N GLY A 63 2.31 -0.67 0.62
CA GLY A 63 2.25 0.36 1.63
C GLY A 63 1.46 1.57 1.17
N VAL A 64 0.63 2.07 2.08
CA VAL A 64 -0.19 3.24 1.81
C VAL A 64 0.33 4.38 2.69
N LEU A 65 1.02 5.34 2.07
CA LEU A 65 1.59 6.50 2.75
C LEU A 65 0.68 7.68 2.53
N ILE A 66 0.27 8.34 3.62
CA ILE A 66 -0.65 9.45 3.51
C ILE A 66 -0.06 10.78 3.97
N VAL A 67 -0.40 11.83 3.23
CA VAL A 67 0.03 13.19 3.51
C VAL A 67 -1.22 14.04 3.31
N HIS A 68 -1.12 15.36 3.46
CA HIS A 68 -2.30 16.18 3.25
C HIS A 68 -1.95 17.55 2.72
N GLU A 69 -2.93 18.18 2.10
CA GLU A 69 -2.78 19.53 1.59
C GLU A 69 -4.13 20.19 1.82
N HIS A 70 -4.14 21.31 2.53
CA HIS A 70 -5.37 22.01 2.82
C HIS A 70 -6.31 21.10 3.60
N ARG A 71 -5.73 20.24 4.43
CA ARG A 71 -6.50 19.31 5.26
C ARG A 71 -7.23 18.23 4.46
N LEU A 72 -6.72 17.93 3.26
CA LEU A 72 -7.33 16.90 2.42
C LEU A 72 -6.31 15.77 2.26
N PRO A 73 -6.65 14.56 2.71
CA PRO A 73 -5.73 13.42 2.60
C PRO A 73 -5.35 13.08 1.16
N HIS A 74 -4.08 12.77 0.96
CA HIS A 74 -3.54 12.39 -0.35
C HIS A 74 -2.73 11.12 -0.15
N VAL A 75 -2.84 10.18 -1.08
CA VAL A 75 -2.09 8.92 -1.00
C VAL A 75 -0.91 9.02 -1.95
N LEU A 76 0.27 8.63 -1.49
CA LEU A 76 1.44 8.70 -2.37
C LEU A 76 1.43 7.51 -3.34
N LEU A 77 1.59 7.80 -4.63
CA LEU A 77 1.61 6.76 -5.65
C LEU A 77 2.82 6.93 -6.55
N LEU A 78 3.20 5.85 -7.23
CA LEU A 78 4.32 5.89 -8.16
C LEU A 78 3.75 5.84 -9.55
N GLN A 79 3.99 6.88 -10.35
CA GLN A 79 3.48 6.92 -11.71
C GLN A 79 4.55 6.36 -12.65
N LEU A 80 4.18 5.33 -13.40
CA LEU A 80 5.11 4.68 -14.33
C LEU A 80 4.70 4.86 -15.78
N GLY A 81 3.47 5.32 -15.99
CA GLY A 81 2.97 5.52 -17.35
C GLY A 81 1.86 6.54 -17.37
N THR A 82 1.40 6.90 -18.56
CA THR A 82 0.34 7.89 -18.70
C THR A 82 -0.80 7.69 -17.71
N THR A 83 -1.27 6.46 -17.61
CA THR A 83 -2.37 6.13 -16.71
C THR A 83 -2.01 4.91 -15.86
N PHE A 84 -0.72 4.72 -15.62
CA PHE A 84 -0.22 3.59 -14.85
C PHE A 84 0.34 4.07 -13.51
N PHE A 85 -0.36 3.72 -12.43
CA PHE A 85 0.04 4.10 -11.07
C PHE A 85 0.12 2.88 -10.18
N LYS A 86 1.07 2.88 -9.24
CA LYS A 86 1.19 1.76 -8.34
C LYS A 86 1.55 2.23 -6.94
N LEU A 87 1.26 1.38 -5.95
CA LEU A 87 1.60 1.68 -4.56
C LEU A 87 2.98 1.08 -4.34
N PRO A 88 3.75 1.65 -3.41
CA PRO A 88 5.06 1.07 -3.18
C PRO A 88 4.83 -0.28 -2.51
N GLY A 89 5.55 -1.29 -2.95
CA GLY A 89 5.37 -2.61 -2.37
C GLY A 89 5.90 -3.66 -3.33
N GLY A 90 5.48 -4.91 -3.13
CA GLY A 90 5.95 -5.96 -4.01
C GLY A 90 5.76 -7.35 -3.44
N GLU A 91 6.56 -8.28 -3.96
CA GLU A 91 6.49 -9.68 -3.55
C GLU A 91 7.38 -10.05 -2.38
N LEU A 92 6.82 -10.80 -1.44
CA LEU A 92 7.58 -11.25 -0.27
C LEU A 92 8.34 -12.51 -0.67
N ASN A 93 9.44 -12.78 0.03
CA ASN A 93 10.21 -13.99 -0.25
C ASN A 93 9.57 -15.07 0.62
N PRO A 94 9.68 -16.35 0.19
CA PRO A 94 9.09 -17.44 0.97
C PRO A 94 9.52 -17.41 2.44
N GLY A 95 8.53 -17.48 3.33
CA GLY A 95 8.83 -17.47 4.76
C GLY A 95 9.15 -16.13 5.38
N GLU A 96 9.14 -15.08 4.57
CA GLU A 96 9.45 -13.74 5.06
C GLU A 96 8.24 -13.12 5.79
N ASP A 97 8.52 -12.42 6.87
CA ASP A 97 7.46 -11.77 7.66
C ASP A 97 6.83 -10.67 6.79
N GLU A 98 5.51 -10.55 6.84
CA GLU A 98 4.81 -9.56 6.04
C GLU A 98 5.27 -8.12 6.25
N VAL A 99 5.34 -7.69 7.50
CA VAL A 99 5.76 -6.32 7.80
C VAL A 99 7.24 -6.09 7.54
N GLU A 100 8.10 -7.05 7.91
CA GLU A 100 9.52 -6.87 7.67
C GLU A 100 9.73 -6.83 6.16
N GLY A 101 8.97 -7.64 5.44
CA GLY A 101 9.07 -7.67 3.99
C GLY A 101 8.64 -6.36 3.37
N LEU A 102 7.56 -5.76 3.88
CA LEU A 102 7.10 -4.49 3.33
C LEU A 102 8.16 -3.42 3.60
N LYS A 103 8.79 -3.48 4.77
CA LYS A 103 9.82 -2.50 5.09
C LYS A 103 10.99 -2.61 4.12
N ARG A 104 11.36 -3.84 3.78
CA ARG A 104 12.44 -4.08 2.83
C ARG A 104 12.08 -3.48 1.48
N LEU A 105 10.86 -3.74 1.03
CA LEU A 105 10.40 -3.24 -0.25
C LEU A 105 10.27 -1.72 -0.29
N MET A 106 9.78 -1.14 0.80
CA MET A 106 9.64 0.32 0.87
C MET A 106 11.02 0.97 0.73
N THR A 107 11.99 0.37 1.39
CA THR A 107 13.36 0.88 1.36
C THR A 107 13.96 0.73 -0.04
N GLU A 108 13.74 -0.41 -0.66
CA GLU A 108 14.27 -0.65 -2.00
C GLU A 108 13.71 0.36 -3.00
N ILE A 109 12.43 0.69 -2.85
CA ILE A 109 11.75 1.60 -3.76
C ILE A 109 11.84 3.09 -3.45
N LEU A 110 11.73 3.47 -2.17
CA LEU A 110 11.75 4.87 -1.81
C LEU A 110 12.82 5.27 -0.81
N GLY A 111 13.55 4.27 -0.31
CA GLY A 111 14.59 4.53 0.69
C GLY A 111 15.59 5.60 0.29
N ARG A 112 15.80 6.58 1.17
CA ARG A 112 16.75 7.66 0.92
C ARG A 112 18.17 7.13 0.97
N GLN A 118 16.10 5.22 7.50
CA GLN A 118 14.66 5.33 7.63
C GLN A 118 14.03 4.11 8.29
N ASP A 119 13.25 4.36 9.33
CA ASP A 119 12.56 3.29 10.06
C ASP A 119 11.06 3.45 9.81
N TRP A 120 10.54 2.65 8.89
CA TRP A 120 9.11 2.71 8.55
C TRP A 120 8.23 2.25 9.71
N VAL A 121 7.17 3.01 9.99
CA VAL A 121 6.25 2.65 11.06
C VAL A 121 5.06 1.98 10.38
N ILE A 122 4.92 0.68 10.58
CA ILE A 122 3.83 -0.07 9.97
C ILE A 122 3.08 -0.83 11.06
N ASP A 123 2.01 -0.23 11.55
CA ASP A 123 1.21 -0.82 12.61
C ASP A 123 -0.26 -1.07 12.28
N ASP A 124 -0.65 -0.83 11.03
CA ASP A 124 -2.05 -1.02 10.65
C ASP A 124 -2.31 -1.79 9.37
N CYS A 125 -3.17 -2.81 9.43
CA CYS A 125 -3.53 -3.54 8.21
C CYS A 125 -4.79 -2.83 7.75
N ILE A 126 -4.88 -2.47 6.47
CA ILE A 126 -6.10 -1.82 6.02
C ILE A 126 -6.95 -2.64 5.06
N GLY A 127 -6.40 -3.73 4.52
CA GLY A 127 -7.19 -4.54 3.62
C GLY A 127 -6.48 -5.74 3.04
N ASN A 128 -7.24 -6.62 2.38
CA ASN A 128 -6.70 -7.82 1.75
C ASN A 128 -7.45 -8.05 0.44
N TRP A 129 -6.71 -8.47 -0.58
CA TRP A 129 -7.31 -8.77 -1.88
C TRP A 129 -6.75 -10.11 -2.35
N TRP A 130 -7.61 -10.92 -2.97
CA TRP A 130 -7.23 -12.24 -3.43
C TRP A 130 -7.47 -12.44 -4.93
N ARG A 131 -6.53 -13.12 -5.58
CA ARG A 131 -6.63 -13.42 -7.01
C ARG A 131 -6.86 -14.93 -7.09
N PRO A 132 -8.09 -15.33 -7.43
CA PRO A 132 -8.44 -16.76 -7.52
C PRO A 132 -7.79 -17.56 -8.65
N ASN A 133 -7.60 -16.92 -9.80
CA ASN A 133 -7.02 -17.61 -10.95
C ASN A 133 -5.83 -16.86 -11.52
N PHE A 134 -5.23 -17.42 -12.57
CA PHE A 134 -4.11 -16.76 -13.22
C PHE A 134 -4.70 -15.79 -14.23
N GLU A 135 -5.59 -14.92 -13.75
CA GLU A 135 -6.28 -13.91 -14.55
C GLU A 135 -6.27 -12.61 -13.74
N PRO A 136 -6.62 -11.48 -14.39
CA PRO A 136 -6.65 -10.18 -13.72
C PRO A 136 -7.59 -10.00 -12.52
N PRO A 137 -8.78 -10.65 -12.55
CA PRO A 137 -9.74 -10.51 -11.44
C PRO A 137 -9.21 -10.70 -10.02
N GLN A 138 -9.49 -9.71 -9.18
CA GLN A 138 -9.08 -9.73 -7.78
C GLN A 138 -10.30 -9.35 -6.92
N TYR A 139 -10.43 -9.94 -5.74
CA TYR A 139 -11.57 -9.68 -4.87
C TYR A 139 -11.14 -9.41 -3.44
N PRO A 140 -11.92 -8.61 -2.69
CA PRO A 140 -11.60 -8.29 -1.29
C PRO A 140 -11.97 -9.41 -0.31
N TYR A 141 -12.22 -10.60 -0.84
CA TYR A 141 -12.57 -11.77 -0.03
C TYR A 141 -12.17 -12.99 -0.83
N ILE A 142 -12.14 -14.15 -0.17
CA ILE A 142 -11.81 -15.39 -0.85
C ILE A 142 -13.10 -15.94 -1.42
N PRO A 143 -13.20 -16.02 -2.76
CA PRO A 143 -14.41 -16.53 -3.41
C PRO A 143 -14.77 -17.94 -2.95
N ALA A 144 -16.06 -18.26 -3.03
CA ALA A 144 -16.55 -19.58 -2.63
C ALA A 144 -15.83 -20.71 -3.36
N HIS A 145 -15.51 -21.77 -2.61
CA HIS A 145 -14.84 -22.94 -3.17
C HIS A 145 -13.44 -22.67 -3.68
N ILE A 146 -12.91 -21.49 -3.40
CA ILE A 146 -11.55 -21.16 -3.82
C ILE A 146 -10.62 -21.43 -2.66
N THR A 147 -10.09 -22.65 -2.64
CA THR A 147 -9.20 -23.07 -1.57
C THR A 147 -7.73 -22.83 -1.89
N LYS A 148 -7.44 -22.51 -3.15
CA LYS A 148 -6.07 -22.27 -3.57
C LYS A 148 -5.87 -20.97 -4.36
N PRO A 149 -5.99 -19.82 -3.69
CA PRO A 149 -5.81 -18.53 -4.38
C PRO A 149 -4.40 -18.47 -4.96
N LYS A 150 -4.25 -17.84 -6.12
CA LYS A 150 -2.95 -17.73 -6.77
C LYS A 150 -2.13 -16.58 -6.21
N GLU A 151 -2.80 -15.58 -5.64
CA GLU A 151 -2.11 -14.44 -5.05
C GLU A 151 -2.94 -13.82 -3.94
N HIS A 152 -2.24 -13.36 -2.91
CA HIS A 152 -2.83 -12.69 -1.77
C HIS A 152 -2.08 -11.38 -1.56
N LYS A 153 -2.78 -10.26 -1.71
CA LYS A 153 -2.18 -8.94 -1.55
C LYS A 153 -2.69 -8.35 -0.24
N LYS A 154 -1.77 -7.88 0.59
CA LYS A 154 -2.13 -7.29 1.87
C LYS A 154 -1.70 -5.83 1.89
N LEU A 155 -2.61 -4.95 2.28
CA LEU A 155 -2.34 -3.52 2.31
C LEU A 155 -2.13 -3.05 3.75
N PHE A 156 -1.11 -2.23 3.95
CA PHE A 156 -0.77 -1.68 5.25
C PHE A 156 -0.67 -0.16 5.19
N LEU A 157 -1.03 0.50 6.28
CA LEU A 157 -0.91 1.95 6.36
C LEU A 157 0.47 2.21 6.95
N VAL A 158 1.28 3.00 6.25
CA VAL A 158 2.62 3.31 6.72
C VAL A 158 2.63 4.76 7.17
N GLN A 159 2.85 4.97 8.47
CA GLN A 159 2.86 6.30 9.05
C GLN A 159 4.16 7.04 8.76
N LEU A 160 4.05 8.23 8.20
CA LEU A 160 5.21 9.03 7.86
C LEU A 160 5.60 9.96 9.01
N GLN A 161 6.87 10.31 9.07
CA GLN A 161 7.37 11.22 10.10
C GLN A 161 6.95 12.62 9.65
N GLU A 162 7.16 13.62 10.51
CA GLU A 162 6.79 14.99 10.16
C GLU A 162 7.40 15.41 8.82
N LYS A 163 8.66 15.03 8.61
CA LYS A 163 9.35 15.36 7.37
C LYS A 163 10.11 14.13 6.90
N ALA A 164 10.27 14.01 5.59
CA ALA A 164 11.00 12.87 5.04
C ALA A 164 11.51 13.14 3.64
N LEU A 165 12.64 12.51 3.33
CA LEU A 165 13.28 12.62 2.03
C LEU A 165 13.18 11.25 1.38
N PHE A 166 12.70 11.20 0.15
CA PHE A 166 12.57 9.93 -0.56
C PHE A 166 13.56 9.89 -1.72
N ALA A 167 13.94 8.68 -2.12
CA ALA A 167 14.83 8.49 -3.26
C ALA A 167 13.94 7.72 -4.22
N VAL A 168 13.66 8.30 -5.38
CA VAL A 168 12.76 7.67 -6.35
C VAL A 168 13.43 7.24 -7.66
N PRO A 169 13.23 5.97 -8.06
CA PRO A 169 13.84 5.51 -9.32
C PRO A 169 13.52 6.51 -10.43
N LYS A 170 14.52 6.83 -11.24
CA LYS A 170 14.37 7.80 -12.32
C LYS A 170 13.18 7.61 -13.25
N ASN A 171 12.79 6.36 -13.49
CA ASN A 171 11.67 6.07 -14.38
C ASN A 171 10.31 6.17 -13.69
N TYR A 172 10.32 6.54 -12.42
CA TYR A 172 9.09 6.70 -11.62
C TYR A 172 8.86 8.18 -11.29
N LYS A 173 7.60 8.53 -11.05
CA LYS A 173 7.24 9.88 -10.68
C LYS A 173 6.42 9.77 -9.39
N LEU A 174 6.91 10.35 -8.31
CA LEU A 174 6.20 10.29 -7.03
C LEU A 174 5.11 11.36 -6.97
N VAL A 175 3.86 10.93 -6.90
CA VAL A 175 2.75 11.88 -6.85
C VAL A 175 1.88 11.68 -5.60
N ALA A 176 1.14 12.73 -5.26
CA ALA A 176 0.23 12.69 -4.11
C ALA A 176 -1.17 12.78 -4.70
N ALA A 177 -1.95 11.71 -4.60
CA ALA A 177 -3.30 11.70 -5.15
C ALA A 177 -4.37 11.95 -4.11
N PRO A 178 -5.17 13.02 -4.29
CA PRO A 178 -6.21 13.30 -3.30
C PRO A 178 -7.27 12.20 -3.37
N LEU A 179 -7.95 11.97 -2.25
CA LEU A 179 -8.96 10.92 -2.23
C LEU A 179 -10.06 11.10 -3.25
N PHE A 180 -10.46 12.34 -3.53
CA PHE A 180 -11.53 12.56 -4.51
C PHE A 180 -11.12 12.18 -5.92
N GLU A 181 -9.82 12.04 -6.14
CA GLU A 181 -9.32 11.64 -7.45
C GLU A 181 -9.42 10.13 -7.58
N LEU A 182 -9.28 9.43 -6.46
CA LEU A 182 -9.34 7.98 -6.46
C LEU A 182 -10.74 7.39 -6.33
N TYR A 183 -11.58 8.00 -5.51
CA TYR A 183 -12.92 7.49 -5.28
C TYR A 183 -13.73 7.24 -6.56
N ASP A 184 -14.28 6.04 -6.65
CA ASP A 184 -15.09 5.62 -7.79
C ASP A 184 -14.36 5.83 -9.12
N ASN A 185 -13.04 5.63 -9.11
CA ASN A 185 -12.26 5.80 -10.32
C ASN A 185 -11.45 4.54 -10.62
N ALA A 186 -12.14 3.40 -10.64
CA ALA A 186 -11.50 2.13 -10.93
C ALA A 186 -10.92 2.17 -12.35
N PRO A 187 -11.60 2.85 -13.29
CA PRO A 187 -11.07 2.90 -14.65
C PRO A 187 -9.69 3.55 -14.70
N GLY A 188 -9.47 4.53 -13.83
CA GLY A 188 -8.18 5.20 -13.83
C GLY A 188 -7.15 4.63 -12.89
N TYR A 189 -7.58 3.96 -11.82
CA TYR A 189 -6.64 3.43 -10.85
C TYR A 189 -6.75 1.95 -10.47
N GLY A 190 -7.78 1.28 -10.97
CA GLY A 190 -7.94 -0.12 -10.63
C GLY A 190 -8.82 -0.29 -9.40
N PRO A 191 -9.27 -1.52 -9.10
CA PRO A 191 -10.14 -1.83 -7.96
C PRO A 191 -9.56 -1.62 -6.56
N ILE A 192 -8.26 -1.80 -6.42
CA ILE A 192 -7.61 -1.65 -5.12
C ILE A 192 -7.33 -0.20 -4.74
N ILE A 193 -6.63 0.51 -5.61
CA ILE A 193 -6.31 1.91 -5.32
C ILE A 193 -7.58 2.76 -5.27
N SER A 194 -8.55 2.47 -6.12
CA SER A 194 -9.77 3.28 -6.11
C SER A 194 -10.64 3.06 -4.87
N SER A 195 -10.40 1.99 -4.13
CA SER A 195 -11.19 1.76 -2.92
C SER A 195 -10.42 2.20 -1.66
N LEU A 196 -9.27 2.83 -1.86
CA LEU A 196 -8.53 3.32 -0.71
C LEU A 196 -9.32 4.38 0.08
N PRO A 197 -10.08 5.24 -0.62
CA PRO A 197 -10.82 6.21 0.20
C PRO A 197 -11.71 5.50 1.22
N GLN A 198 -12.41 4.46 0.79
CA GLN A 198 -13.27 3.70 1.69
C GLN A 198 -12.45 3.07 2.82
N LEU A 199 -11.34 2.45 2.45
CA LEU A 199 -10.46 1.80 3.45
C LEU A 199 -9.84 2.76 4.45
N LEU A 200 -9.74 4.03 4.10
CA LEU A 200 -9.15 5.01 5.00
C LEU A 200 -10.17 5.83 5.77
N SER A 201 -11.45 5.67 5.45
CA SER A 201 -12.48 6.48 6.10
C SER A 201 -12.61 6.31 7.62
N ARG A 202 -12.24 5.15 8.13
CA ARG A 202 -12.34 4.89 9.57
C ARG A 202 -11.29 5.64 10.38
N PHE A 203 -10.24 6.10 9.72
CA PHE A 203 -9.18 6.80 10.44
C PHE A 203 -9.51 8.23 10.84
N ASN A 204 -9.09 8.60 12.05
CA ASN A 204 -9.28 9.94 12.55
C ASN A 204 -7.96 10.65 12.27
N PHE A 205 -7.90 11.34 11.13
CA PHE A 205 -6.69 12.05 10.72
C PHE A 205 -6.50 13.40 11.39
N ILE A 206 -5.27 13.66 11.81
CA ILE A 206 -4.91 14.93 12.43
C ILE A 206 -4.10 15.67 11.38
N TYR A 207 -4.61 16.81 10.94
CA TYR A 207 -3.95 17.60 9.91
C TYR A 207 -3.00 18.62 10.53
N ASN A 208 -1.75 18.21 10.70
CA ASN A 208 -0.73 19.05 11.29
C ASN A 208 -0.21 20.10 10.33
#